data_6QE2
#
_entry.id   6QE2
#
_cell.length_a   120.600
_cell.length_b   75.460
_cell.length_c   85.440
_cell.angle_alpha   90.000
_cell.angle_beta   128.290
_cell.angle_gamma   90.000
#
_symmetry.space_group_name_H-M   'C 1 2 1'
#
loop_
_entity.id
_entity.type
_entity.pdbx_description
1 polymer 'Monoacylglycerol lipase'
2 non-polymer GLYCEROL
3 non-polymer 'LAURYL DIMETHYLAMINE-N-OXIDE'
4 water water
#
_entity_poly.entity_id   1
_entity_poly.type   'polypeptide(L)'
_entity_poly.pdbx_seq_one_letter_code
;MELYRAKFGTPERGWVVLVHGLGEHSGRYGKLIELLNGAGFGVYAFDWPGHGKSPGKRGHTSVEEAMKIIDSIIEELGEK
PFLFGHSLGGLTVIRYAETRPDKIMGVVASSPALAKSPKTPSFMVALAKVLGRITPGLSLSNGLDPKLLSRNPDAVKRYI
EDPLVHDRISGKLGMSVFDNMERAHKEAERIKAPVLLLVGTADIITPPEGSRRLFEELKVKDKTIMEFKGAYHEIFEDPE
WGEEFHRAIVEWLVSHSRGDLEWASAERASSIMGDSAHHHHHH
;
_entity_poly.pdbx_strand_id   A,B
#
loop_
_chem_comp.id
_chem_comp.type
_chem_comp.name
_chem_comp.formula
GOL non-polymer GLYCEROL 'C3 H8 O3'
LDA non-polymer 'LAURYL DIMETHYLAMINE-N-OXIDE' 'C14 H31 N O'
#
# COMPACT_ATOMS: atom_id res chain seq x y z
N MET A 1 33.49 3.04 -3.22
CA MET A 1 33.08 2.48 -4.49
C MET A 1 31.79 3.13 -4.98
N GLU A 2 31.48 2.94 -6.25
CA GLU A 2 30.28 3.48 -6.84
C GLU A 2 29.16 2.48 -6.63
N LEU A 3 28.33 2.72 -5.63
CA LEU A 3 27.25 1.82 -5.32
C LEU A 3 26.04 1.99 -6.21
N TYR A 4 25.15 1.02 -6.15
CA TYR A 4 23.91 1.11 -6.87
C TYR A 4 22.97 1.80 -5.91
N ARG A 5 22.51 2.99 -6.27
CA ARG A 5 21.61 3.77 -5.44
C ARG A 5 20.42 4.17 -6.28
N ALA A 6 19.23 4.12 -5.71
CA ALA A 6 18.04 4.50 -6.46
C ALA A 6 17.01 5.16 -5.57
N LYS A 7 16.40 6.23 -6.08
CA LYS A 7 15.34 6.89 -5.34
C LYS A 7 14.02 6.61 -6.04
N PHE A 8 13.00 6.28 -5.25
CA PHE A 8 11.68 5.94 -5.78
C PHE A 8 10.64 6.85 -5.14
N GLY A 9 9.71 7.33 -5.96
CA GLY A 9 8.58 8.07 -5.43
C GLY A 9 8.92 9.51 -5.08
N THR A 10 7.92 10.17 -4.47
CA THR A 10 8.00 11.57 -4.06
C THR A 10 7.90 11.64 -2.54
N PRO A 11 8.78 12.40 -1.87
CA PRO A 11 8.82 12.29 -0.39
C PRO A 11 7.87 13.27 0.27
N GLU A 12 6.58 13.12 -0.02
CA GLU A 12 5.58 13.99 0.60
C GLU A 12 5.54 13.82 2.11
N ARG A 13 5.70 12.57 2.61
CA ARG A 13 5.75 12.25 4.04
C ARG A 13 7.17 12.05 4.57
N GLY A 14 8.15 12.31 3.76
CA GLY A 14 9.52 12.09 4.15
C GLY A 14 10.12 10.92 3.39
N TRP A 15 11.29 10.50 3.85
CA TRP A 15 12.06 9.46 3.20
C TRP A 15 12.15 8.22 4.07
N VAL A 16 12.26 7.07 3.41
CA VAL A 16 12.49 5.81 4.09
C VAL A 16 13.71 5.23 3.39
N VAL A 17 14.75 4.94 4.17
CA VAL A 17 15.96 4.35 3.63
C VAL A 17 15.85 2.85 3.82
N LEU A 18 15.99 2.12 2.73
CA LEU A 18 15.88 0.67 2.76
C LEU A 18 17.24 -0.01 2.83
N VAL A 19 17.41 -0.88 3.81
CA VAL A 19 18.66 -1.58 4.05
C VAL A 19 18.43 -3.08 4.00
N HIS A 20 18.88 -3.73 2.91
CA HIS A 20 18.67 -5.17 2.70
C HIS A 20 19.64 -5.98 3.56
N GLY A 21 19.47 -7.30 3.49
CA GLY A 21 20.19 -8.23 4.31
C GLY A 21 21.30 -8.96 3.55
N LEU A 22 21.87 -9.98 4.20
CA LEU A 22 23.06 -10.62 3.67
C LEU A 22 22.70 -11.42 2.44
N GLY A 23 23.48 -11.30 1.39
CA GLY A 23 23.29 -12.13 0.21
C GLY A 23 22.18 -11.70 -0.73
N GLU A 24 21.31 -10.77 -0.31
CA GLU A 24 20.22 -10.33 -1.20
C GLU A 24 20.52 -8.92 -1.70
N HIS A 25 19.46 -8.18 -2.03
CA HIS A 25 19.67 -6.89 -2.69
C HIS A 25 18.34 -6.16 -2.65
N SER A 26 18.38 -4.87 -3.01
CA SER A 26 17.19 -4.05 -2.81
C SER A 26 16.09 -4.34 -3.81
N GLY A 27 16.40 -5.02 -4.91
CA GLY A 27 15.39 -5.32 -5.91
C GLY A 27 14.32 -6.29 -5.45
N ARG A 28 14.54 -6.98 -4.33
CA ARG A 28 13.53 -7.91 -3.84
C ARG A 28 12.38 -7.19 -3.11
N TYR A 29 12.47 -5.87 -2.95
CA TYR A 29 11.54 -5.12 -2.11
C TYR A 29 10.57 -4.29 -2.95
N GLY A 30 10.34 -4.69 -4.19
CA GLY A 30 9.49 -3.89 -5.08
C GLY A 30 8.09 -3.67 -4.52
N LYS A 31 7.52 -4.70 -3.89
CA LYS A 31 6.17 -4.56 -3.34
C LYS A 31 6.11 -3.52 -2.23
N LEU A 32 7.05 -3.57 -1.29
CA LEU A 32 7.04 -2.61 -0.19
C LEU A 32 7.33 -1.21 -0.68
N ILE A 33 8.26 -1.06 -1.63
CA ILE A 33 8.57 0.26 -2.18
C ILE A 33 7.33 0.85 -2.83
N GLU A 34 6.61 0.04 -3.60
CA GLU A 34 5.41 0.52 -4.27
C GLU A 34 4.36 0.96 -3.26
N LEU A 35 4.16 0.18 -2.20
CA LEU A 35 3.18 0.54 -1.18
C LEU A 35 3.59 1.83 -0.46
N LEU A 36 4.87 1.96 -0.11
CA LEU A 36 5.34 3.16 0.57
C LEU A 36 5.19 4.39 -0.32
N ASN A 37 5.53 4.27 -1.60
CA ASN A 37 5.34 5.38 -2.52
C ASN A 37 3.86 5.74 -2.61
N GLY A 38 2.99 4.73 -2.69
CA GLY A 38 1.56 4.97 -2.75
C GLY A 38 1.01 5.68 -1.52
N ALA A 39 1.68 5.52 -0.38
CA ALA A 39 1.28 6.18 0.85
C ALA A 39 1.90 7.56 1.03
N GLY A 40 2.79 7.98 0.12
CA GLY A 40 3.38 9.30 0.16
C GLY A 40 4.82 9.39 0.61
N PHE A 41 5.53 8.26 0.71
CA PHE A 41 6.94 8.28 1.08
C PHE A 41 7.81 8.17 -0.16
N GLY A 42 8.95 8.83 -0.11
CA GLY A 42 10.04 8.50 -1.00
C GLY A 42 10.83 7.37 -0.36
N VAL A 43 11.40 6.51 -1.19
CA VAL A 43 12.24 5.41 -0.72
C VAL A 43 13.60 5.54 -1.36
N TYR A 44 14.65 5.52 -0.54
CA TYR A 44 16.03 5.54 -1.01
C TYR A 44 16.57 4.13 -0.84
N ALA A 45 16.86 3.48 -1.95
CA ALA A 45 17.36 2.11 -1.94
C ALA A 45 18.83 2.10 -2.37
N PHE A 46 19.57 1.14 -1.84
CA PHE A 46 20.93 0.92 -2.29
C PHE A 46 21.24 -0.55 -2.13
N ASP A 47 22.22 -1.03 -2.88
CA ASP A 47 22.75 -2.37 -2.70
C ASP A 47 24.08 -2.27 -1.97
N TRP A 48 24.23 -3.05 -0.90
CA TRP A 48 25.46 -3.07 -0.14
C TRP A 48 26.66 -3.37 -1.03
N PRO A 49 27.86 -2.93 -0.66
CA PRO A 49 29.07 -3.41 -1.33
C PRO A 49 29.07 -4.93 -1.35
N GLY A 50 29.50 -5.51 -2.47
CA GLY A 50 29.53 -6.94 -2.57
C GLY A 50 28.17 -7.60 -2.67
N HIS A 51 27.14 -6.83 -3.04
CA HIS A 51 25.78 -7.32 -3.12
C HIS A 51 25.08 -6.71 -4.31
N GLY A 52 24.13 -7.46 -4.88
CA GLY A 52 23.24 -6.93 -5.89
C GLY A 52 23.97 -6.30 -7.05
N LYS A 53 23.53 -5.10 -7.43
CA LYS A 53 24.09 -4.36 -8.55
C LYS A 53 25.29 -3.51 -8.18
N SER A 54 25.69 -3.51 -6.91
CA SER A 54 26.86 -2.80 -6.47
C SER A 54 28.11 -3.61 -6.78
N PRO A 55 29.25 -2.96 -6.93
CA PRO A 55 30.50 -3.67 -7.22
C PRO A 55 31.07 -4.32 -5.96
N GLY A 56 32.18 -5.03 -6.15
CA GLY A 56 32.93 -5.57 -5.04
C GLY A 56 32.80 -7.08 -4.96
N LYS A 57 33.83 -7.71 -4.39
CA LYS A 57 33.79 -9.13 -4.10
C LYS A 57 32.52 -9.48 -3.33
N ARG A 58 31.85 -10.54 -3.76
CA ARG A 58 30.55 -10.89 -3.20
C ARG A 58 30.66 -11.18 -1.71
N GLY A 59 29.82 -10.52 -0.92
CA GLY A 59 29.74 -10.77 0.51
C GLY A 59 30.83 -10.13 1.33
N HIS A 60 31.65 -9.29 0.73
CA HIS A 60 32.73 -8.64 1.43
C HIS A 60 32.41 -7.20 1.74
N THR A 61 31.99 -6.97 2.97
CA THR A 61 31.62 -5.67 3.49
C THR A 61 31.50 -5.73 5.02
N SER A 62 30.85 -4.75 5.62
CA SER A 62 30.68 -4.76 7.06
C SER A 62 29.50 -3.91 7.48
N VAL A 63 29.06 -4.09 8.71
CA VAL A 63 27.94 -3.31 9.24
C VAL A 63 28.36 -1.85 9.34
N GLU A 64 29.59 -1.63 9.76
CA GLU A 64 30.16 -0.30 9.86
C GLU A 64 30.20 0.39 8.49
N GLU A 65 30.52 -0.35 7.44
CA GLU A 65 30.53 0.22 6.11
C GLU A 65 29.12 0.65 5.71
N ALA A 66 28.14 -0.20 5.97
CA ALA A 66 26.76 0.12 5.66
C ALA A 66 26.28 1.36 6.41
N MET A 67 26.67 1.51 7.67
CA MET A 67 26.28 2.68 8.44
C MET A 67 26.88 3.96 7.85
N LYS A 68 28.09 3.88 7.31
CA LYS A 68 28.71 5.04 6.67
C LYS A 68 27.95 5.37 5.37
N ILE A 69 27.44 4.35 4.69
CA ILE A 69 26.65 4.55 3.49
C ILE A 69 25.37 5.30 3.89
N ILE A 70 24.77 4.88 4.99
CA ILE A 70 23.56 5.55 5.49
C ILE A 70 23.88 7.01 5.84
N ASP A 71 25.04 7.27 6.44
CA ASP A 71 25.47 8.62 6.74
C ASP A 71 25.45 9.46 5.47
N SER A 72 26.05 8.94 4.42
CA SER A 72 26.10 9.61 3.13
C SER A 72 24.72 9.86 2.55
N ILE A 73 23.81 8.91 2.71
CA ILE A 73 22.46 9.09 2.19
C ILE A 73 21.74 10.21 2.95
N ILE A 74 21.90 10.25 4.27
CA ILE A 74 21.26 11.30 5.06
C ILE A 74 21.85 12.67 4.70
N GLU A 75 23.16 12.73 4.44
CA GLU A 75 23.76 13.98 3.99
C GLU A 75 23.20 14.42 2.65
N GLU A 76 23.01 13.48 1.73
CA GLU A 76 22.46 13.79 0.41
C GLU A 76 21.02 14.29 0.52
N LEU A 77 20.22 13.65 1.37
CA LEU A 77 18.81 14.00 1.47
C LEU A 77 18.61 15.34 2.18
N GLY A 78 19.48 15.68 3.11
CA GLY A 78 19.37 16.93 3.82
C GLY A 78 18.28 16.95 4.87
N GLU A 79 17.76 15.76 5.24
CA GLU A 79 16.71 15.69 6.24
C GLU A 79 16.77 14.32 6.91
N LYS A 80 16.08 14.21 8.06
CA LYS A 80 16.09 12.97 8.85
CA LYS A 80 16.08 12.97 8.87
C LYS A 80 15.14 11.96 8.21
N PRO A 81 15.62 10.75 7.84
CA PRO A 81 14.71 9.74 7.28
C PRO A 81 14.24 8.74 8.29
N PHE A 82 13.25 7.96 7.90
CA PHE A 82 13.01 6.68 8.57
C PHE A 82 13.96 5.64 7.99
N LEU A 83 14.31 4.64 8.80
CA LEU A 83 15.09 3.50 8.34
C LEU A 83 14.23 2.23 8.36
N PHE A 84 14.35 1.43 7.30
CA PHE A 84 13.79 0.09 7.25
C PHE A 84 14.90 -0.89 6.89
N GLY A 85 15.10 -1.90 7.72
CA GLY A 85 16.12 -2.89 7.44
C GLY A 85 15.60 -4.29 7.74
N HIS A 86 16.12 -5.26 6.98
CA HIS A 86 15.74 -6.65 7.14
C HIS A 86 16.97 -7.51 7.43
N SER A 87 16.88 -8.31 8.50
CA SER A 87 17.90 -9.32 8.87
C SER A 87 19.22 -8.64 9.18
N LEU A 88 20.32 -8.93 8.44
CA LEU A 88 21.54 -8.13 8.56
C LEU A 88 21.19 -6.63 8.46
N GLY A 89 20.24 -6.28 7.59
CA GLY A 89 19.90 -4.87 7.47
C GLY A 89 19.12 -4.37 8.67
N GLY A 90 18.38 -5.28 9.34
CA GLY A 90 17.69 -4.90 10.55
C GLY A 90 18.64 -4.65 11.70
N LEU A 91 19.65 -5.51 11.84
CA LEU A 91 20.72 -5.24 12.80
C LEU A 91 21.40 -3.91 12.49
N THR A 92 21.65 -3.65 11.21
CA THR A 92 22.34 -2.43 10.81
C THR A 92 21.55 -1.18 11.18
N VAL A 93 20.23 -1.18 10.93
CA VAL A 93 19.47 0.03 11.22
C VAL A 93 19.31 0.22 12.73
N ILE A 94 19.27 -0.86 13.50
CA ILE A 94 19.28 -0.73 14.95
C ILE A 94 20.60 -0.14 15.41
N ARG A 95 21.72 -0.62 14.88
CA ARG A 95 23.02 -0.05 15.25
C ARG A 95 23.13 1.40 14.81
N TYR A 96 22.52 1.76 13.67
CA TYR A 96 22.51 3.15 13.27
C TYR A 96 21.71 4.01 14.24
N ALA A 97 20.55 3.51 14.67
CA ALA A 97 19.74 4.23 15.64
C ALA A 97 20.44 4.39 16.97
N GLU A 98 21.40 3.50 17.27
CA GLU A 98 22.17 3.58 18.51
C GLU A 98 23.36 4.52 18.39
N THR A 99 24.02 4.53 17.23
CA THR A 99 25.26 5.29 17.08
C THR A 99 25.09 6.65 16.42
N ARG A 100 23.99 6.88 15.70
CA ARG A 100 23.60 8.19 15.19
C ARG A 100 22.20 8.51 15.70
N PRO A 101 22.00 8.59 17.01
CA PRO A 101 20.62 8.54 17.56
C PRO A 101 19.74 9.68 17.13
N ASP A 102 20.30 10.86 16.90
CA ASP A 102 19.51 12.02 16.56
C ASP A 102 19.33 12.29 15.08
N LYS A 103 19.80 11.38 14.24
CA LYS A 103 19.74 11.58 12.79
C LYS A 103 18.56 10.95 12.04
N ILE A 104 17.69 10.23 12.73
CA ILE A 104 16.58 9.57 12.06
C ILE A 104 15.24 9.84 12.74
N MET A 105 14.16 9.65 11.99
CA MET A 105 12.81 9.82 12.51
C MET A 105 12.28 8.58 13.21
N GLY A 106 12.88 7.43 12.97
CA GLY A 106 12.38 6.17 13.46
C GLY A 106 13.03 5.03 12.72
N VAL A 107 12.92 3.84 13.30
CA VAL A 107 13.58 2.66 12.74
C VAL A 107 12.62 1.48 12.76
N VAL A 108 12.48 0.80 11.62
CA VAL A 108 11.69 -0.40 11.47
C VAL A 108 12.66 -1.53 11.14
N ALA A 109 12.65 -2.58 11.95
CA ALA A 109 13.55 -3.71 11.76
C ALA A 109 12.72 -4.97 11.55
N SER A 110 12.85 -5.58 10.37
CA SER A 110 12.24 -6.86 10.04
C SER A 110 13.24 -7.96 10.34
N SER A 111 12.85 -8.92 11.18
CA SER A 111 13.69 -10.06 11.55
C SER A 111 15.15 -9.66 11.79
N PRO A 112 15.43 -8.67 12.65
CA PRO A 112 16.82 -8.24 12.81
C PRO A 112 17.68 -9.33 13.43
N ALA A 113 18.95 -9.36 13.00
CA ALA A 113 19.90 -10.36 13.48
C ALA A 113 20.37 -9.98 14.87
N LEU A 114 19.65 -10.48 15.89
CA LEU A 114 19.92 -10.12 17.27
C LEU A 114 20.22 -11.34 18.15
N ALA A 115 20.14 -12.53 17.60
CA ALA A 115 20.45 -13.77 18.30
C ALA A 115 21.03 -14.75 17.29
N LYS A 116 22.00 -15.54 17.74
CA LYS A 116 22.62 -16.54 16.89
C LYS A 116 21.60 -17.61 16.49
N SER A 117 21.69 -18.06 15.24
CA SER A 117 20.85 -19.18 14.84
C SER A 117 21.33 -20.45 15.53
N PRO A 118 20.41 -21.32 15.95
CA PRO A 118 20.84 -22.64 16.49
C PRO A 118 21.59 -23.47 15.47
N LYS A 119 21.44 -23.18 14.18
CA LYS A 119 22.17 -23.84 13.12
C LYS A 119 23.63 -23.40 13.06
N THR A 120 23.97 -22.26 13.66
CA THR A 120 25.32 -21.76 13.64
C THR A 120 26.05 -22.26 14.87
N PRO A 121 27.00 -23.17 14.75
CA PRO A 121 27.72 -23.65 15.94
C PRO A 121 28.54 -22.54 16.59
N SER A 122 28.72 -22.65 17.91
CA SER A 122 29.42 -21.62 18.65
C SER A 122 30.85 -21.43 18.17
N PHE A 123 31.50 -22.51 17.71
CA PHE A 123 32.87 -22.33 17.24
C PHE A 123 32.93 -21.49 15.97
N MET A 124 31.84 -21.41 15.22
CA MET A 124 31.84 -20.58 14.02
C MET A 124 31.91 -19.10 14.38
N VAL A 125 31.28 -18.71 15.49
CA VAL A 125 31.39 -17.34 15.98
C VAL A 125 32.83 -17.05 16.38
N ALA A 126 33.46 -17.97 17.11
CA ALA A 126 34.86 -17.78 17.50
C ALA A 126 35.77 -17.77 16.29
N LEU A 127 35.49 -18.60 15.29
CA LEU A 127 36.29 -18.60 14.07
C LEU A 127 36.16 -17.28 13.33
N ALA A 128 34.97 -16.71 13.28
CA ALA A 128 34.79 -15.45 12.58
C ALA A 128 35.60 -14.32 13.21
N LYS A 129 35.68 -14.32 14.55
CA LYS A 129 36.52 -13.35 15.25
C LYS A 129 37.97 -13.47 14.85
N VAL A 130 38.43 -14.67 14.51
CA VAL A 130 39.81 -14.80 14.09
C VAL A 130 39.95 -14.45 12.62
N LEU A 131 39.13 -15.06 11.78
CA LEU A 131 39.26 -14.85 10.34
C LEU A 131 39.00 -13.40 9.97
N GLY A 132 38.11 -12.73 10.70
CA GLY A 132 37.88 -11.31 10.42
C GLY A 132 39.10 -10.45 10.63
N ARG A 133 40.06 -10.91 11.44
CA ARG A 133 41.28 -10.16 11.70
C ARG A 133 42.44 -10.58 10.81
N ILE A 134 42.63 -11.88 10.57
CA ILE A 134 43.83 -12.33 9.88
C ILE A 134 43.59 -12.54 8.39
N THR A 135 42.35 -12.87 8.01
CA THR A 135 41.99 -13.04 6.60
C THR A 135 40.65 -12.37 6.32
N PRO A 136 40.56 -11.04 6.49
CA PRO A 136 39.25 -10.38 6.37
C PRO A 136 38.60 -10.56 5.00
N GLY A 137 39.40 -10.72 3.94
CA GLY A 137 38.87 -10.90 2.61
C GLY A 137 38.51 -12.31 2.23
N LEU A 138 38.81 -13.29 3.08
CA LEU A 138 38.48 -14.67 2.79
C LEU A 138 36.98 -14.82 2.65
N SER A 139 36.54 -15.48 1.58
CA SER A 139 35.13 -15.60 1.25
C SER A 139 34.69 -17.01 1.59
N LEU A 140 33.61 -17.12 2.38
CA LEU A 140 33.12 -18.40 2.84
C LEU A 140 31.61 -18.50 2.58
N SER A 141 31.10 -19.71 2.72
CA SER A 141 29.67 -19.94 2.59
CA SER A 141 29.66 -19.93 2.59
C SER A 141 28.94 -19.40 3.81
N ASN A 142 27.77 -18.80 3.59
CA ASN A 142 27.01 -18.22 4.70
C ASN A 142 26.21 -19.26 5.46
N GLY A 143 26.13 -20.50 4.99
CA GLY A 143 25.49 -21.54 5.76
C GLY A 143 23.98 -21.52 5.72
N LEU A 144 23.38 -20.61 4.95
CA LEU A 144 21.94 -20.45 4.96
C LEU A 144 21.24 -21.60 4.23
N ASP A 145 20.19 -22.14 4.85
CA ASP A 145 19.29 -23.08 4.19
C ASP A 145 18.13 -22.28 3.60
N PRO A 146 18.03 -22.14 2.28
CA PRO A 146 16.97 -21.29 1.73
C PRO A 146 15.57 -21.76 2.07
N LYS A 147 15.38 -23.05 2.35
CA LYS A 147 14.07 -23.54 2.74
C LYS A 147 13.59 -22.94 4.06
N LEU A 148 14.51 -22.38 4.85
CA LEU A 148 14.15 -21.75 6.12
C LEU A 148 13.76 -20.28 5.95
N LEU A 149 13.79 -19.76 4.72
CA LEU A 149 13.50 -18.35 4.50
C LEU A 149 12.01 -18.04 4.58
N SER A 150 11.16 -18.91 4.02
CA SER A 150 9.77 -18.56 3.84
C SER A 150 8.93 -19.82 3.75
N ARG A 151 7.71 -19.76 4.31
CA ARG A 151 6.73 -20.80 4.12
C ARG A 151 6.16 -20.82 2.70
N ASN A 152 6.47 -19.82 1.87
CA ASN A 152 6.03 -19.77 0.49
C ASN A 152 7.06 -20.47 -0.38
N PRO A 153 6.75 -21.65 -0.90
CA PRO A 153 7.72 -22.38 -1.71
C PRO A 153 8.16 -21.63 -2.97
N ASP A 154 7.27 -20.84 -3.54
CA ASP A 154 7.60 -20.07 -4.74
C ASP A 154 8.57 -18.93 -4.43
N ALA A 155 8.48 -18.40 -3.21
CA ALA A 155 9.38 -17.34 -2.79
C ALA A 155 10.77 -17.92 -2.63
N VAL A 156 10.84 -19.14 -2.09
CA VAL A 156 12.11 -19.80 -1.88
C VAL A 156 12.77 -20.08 -3.22
N LYS A 157 11.96 -20.56 -4.16
CA LYS A 157 12.46 -20.86 -5.49
C LYS A 157 13.00 -19.60 -6.17
N ARG A 158 12.29 -18.50 -6.03
CA ARG A 158 12.73 -17.25 -6.63
C ARG A 158 14.08 -16.82 -6.08
N TYR A 159 14.24 -16.96 -4.77
CA TYR A 159 15.48 -16.58 -4.10
C TYR A 159 16.63 -17.39 -4.65
N ILE A 160 16.40 -18.69 -4.78
CA ILE A 160 17.41 -19.59 -5.29
C ILE A 160 17.79 -19.29 -6.73
N GLU A 161 16.82 -18.89 -7.52
CA GLU A 161 17.07 -18.62 -8.93
C GLU A 161 17.50 -17.20 -9.24
N ASP A 162 17.40 -16.32 -8.26
CA ASP A 162 17.80 -14.94 -8.45
C ASP A 162 19.29 -14.88 -8.67
N PRO A 163 19.74 -14.38 -9.81
CA PRO A 163 21.16 -14.30 -10.10
C PRO A 163 21.94 -13.27 -9.28
N LEU A 164 21.24 -12.31 -8.67
CA LEU A 164 21.87 -11.31 -7.85
C LEU A 164 22.05 -11.82 -6.41
N VAL A 165 21.35 -12.90 -6.05
CA VAL A 165 21.48 -13.47 -4.72
C VAL A 165 22.70 -14.38 -4.70
N HIS A 166 23.47 -14.32 -3.62
CA HIS A 166 24.66 -15.16 -3.47
C HIS A 166 24.72 -15.66 -2.04
N ASP A 167 25.60 -16.63 -1.81
CA ASP A 167 25.74 -17.24 -0.48
C ASP A 167 27.10 -16.95 0.15
N ARG A 168 27.75 -15.88 -0.28
CA ARG A 168 29.09 -15.55 0.19
C ARG A 168 29.04 -14.63 1.40
N ILE A 169 29.98 -14.84 2.32
CA ILE A 169 30.21 -13.92 3.42
C ILE A 169 31.71 -13.92 3.68
N SER A 170 32.28 -12.73 3.83
CA SER A 170 33.71 -12.65 4.06
C SER A 170 34.01 -12.77 5.55
N GLY A 171 35.28 -13.01 5.87
CA GLY A 171 35.68 -13.05 7.27
C GLY A 171 35.38 -11.74 7.96
N LYS A 172 35.62 -10.62 7.27
CA LYS A 172 35.33 -9.30 7.83
C LYS A 172 33.86 -9.15 8.14
N LEU A 173 33.00 -9.56 7.19
CA LEU A 173 31.57 -9.39 7.41
C LEU A 173 31.07 -10.30 8.53
N GLY A 174 31.55 -11.54 8.58
CA GLY A 174 31.16 -12.43 9.65
C GLY A 174 31.52 -11.89 11.02
N MET A 175 32.75 -11.40 11.17
CA MET A 175 33.17 -10.78 12.41
C MET A 175 32.29 -9.59 12.76
N SER A 176 32.00 -8.77 11.76
CA SER A 176 31.17 -7.60 11.97
C SER A 176 29.77 -7.97 12.42
N VAL A 177 29.20 -9.00 11.84
CA VAL A 177 27.84 -9.40 12.21
C VAL A 177 27.76 -9.83 13.68
N PHE A 178 28.71 -10.66 14.15
CA PHE A 178 28.59 -11.15 15.52
C PHE A 178 28.95 -10.09 16.53
N ASP A 179 29.96 -9.26 16.19
CA ASP A 179 30.30 -8.15 17.07
CA ASP A 179 30.31 -8.15 17.06
C ASP A 179 29.14 -7.18 17.19
N ASN A 180 28.52 -6.82 16.06
CA ASN A 180 27.43 -5.85 16.17
C ASN A 180 26.17 -6.45 16.80
N MET A 181 25.95 -7.77 16.70
CA MET A 181 24.84 -8.39 17.43
CA MET A 181 24.84 -8.38 17.43
C MET A 181 24.96 -8.12 18.93
N GLU A 182 26.17 -8.33 19.48
CA GLU A 182 26.40 -8.05 20.89
C GLU A 182 26.19 -6.56 21.21
N ARG A 183 26.77 -5.69 20.38
CA ARG A 183 26.70 -4.26 20.68
C ARG A 183 25.27 -3.76 20.58
N ALA A 184 24.44 -4.42 19.75
CA ALA A 184 23.06 -3.94 19.58
C ALA A 184 22.31 -4.06 20.89
N HIS A 185 22.60 -5.11 21.66
CA HIS A 185 21.96 -5.25 22.95
C HIS A 185 22.59 -4.34 23.99
N LYS A 186 23.92 -4.23 23.99
CA LYS A 186 24.60 -3.44 25.01
C LYS A 186 24.23 -1.97 24.94
N GLU A 187 24.03 -1.44 23.72
CA GLU A 187 23.77 -0.03 23.52
C GLU A 187 22.30 0.29 23.27
N ALA A 188 21.39 -0.62 23.66
CA ALA A 188 19.98 -0.45 23.37
C ALA A 188 19.43 0.86 23.92
N GLU A 189 19.92 1.29 25.08
CA GLU A 189 19.44 2.52 25.70
C GLU A 189 19.83 3.78 24.94
N ARG A 190 20.73 3.69 23.96
CA ARG A 190 21.11 4.86 23.19
C ARG A 190 20.06 5.28 22.17
N ILE A 191 19.13 4.38 21.84
CA ILE A 191 18.12 4.71 20.85
C ILE A 191 17.15 5.72 21.44
N LYS A 192 16.90 6.80 20.67
CA LYS A 192 15.94 7.85 21.02
C LYS A 192 14.75 7.94 20.08
N ALA A 193 14.86 7.42 18.86
CA ALA A 193 13.79 7.48 17.88
C ALA A 193 12.80 6.32 18.10
N PRO A 194 11.57 6.43 17.61
CA PRO A 194 10.61 5.33 17.74
C PRO A 194 11.08 4.07 17.00
N VAL A 195 10.70 2.92 17.55
CA VAL A 195 11.17 1.61 17.08
C VAL A 195 9.98 0.71 16.79
N LEU A 196 10.05 -0.01 15.67
CA LEU A 196 9.13 -1.10 15.37
C LEU A 196 9.96 -2.33 15.01
N LEU A 197 9.74 -3.43 15.73
CA LEU A 197 10.36 -4.71 15.43
C LEU A 197 9.31 -5.69 14.95
N LEU A 198 9.61 -6.42 13.88
CA LEU A 198 8.69 -7.41 13.31
C LEU A 198 9.39 -8.75 13.21
N VAL A 199 8.80 -9.80 13.79
CA VAL A 199 9.42 -11.12 13.80
C VAL A 199 8.40 -12.20 13.48
N GLY A 200 8.88 -13.27 12.85
CA GLY A 200 8.10 -14.49 12.70
C GLY A 200 8.47 -15.47 13.79
N THR A 201 7.44 -16.10 14.39
CA THR A 201 7.69 -16.91 15.57
C THR A 201 8.44 -18.21 15.25
N ALA A 202 8.41 -18.67 14.01
CA ALA A 202 9.09 -19.90 13.63
C ALA A 202 10.44 -19.64 12.97
N ASP A 203 10.94 -18.41 13.05
CA ASP A 203 12.21 -18.04 12.45
C ASP A 203 13.36 -18.66 13.24
N ILE A 204 14.14 -19.52 12.59
CA ILE A 204 15.36 -20.05 13.20
C ILE A 204 16.62 -19.44 12.60
N ILE A 205 16.51 -18.63 11.55
CA ILE A 205 17.69 -17.95 11.02
C ILE A 205 18.09 -16.81 11.95
N THR A 206 17.11 -16.02 12.40
CA THR A 206 17.30 -15.01 13.44
C THR A 206 16.23 -15.29 14.50
N PRO A 207 16.55 -16.07 15.51
CA PRO A 207 15.55 -16.41 16.53
C PRO A 207 14.88 -15.18 17.09
N PRO A 208 13.56 -15.17 17.13
CA PRO A 208 12.81 -14.00 17.61
C PRO A 208 13.09 -13.52 19.03
N GLU A 209 13.62 -14.38 19.90
CA GLU A 209 13.89 -13.96 21.25
C GLU A 209 14.92 -12.83 21.25
N GLY A 210 15.73 -12.75 20.21
CA GLY A 210 16.69 -11.66 20.14
C GLY A 210 15.96 -10.33 20.11
N SER A 211 14.90 -10.23 19.31
CA SER A 211 14.08 -9.03 19.26
C SER A 211 13.31 -8.79 20.56
N ARG A 212 12.83 -9.87 21.15
CA ARG A 212 12.11 -9.75 22.41
C ARG A 212 13.03 -9.19 23.48
N ARG A 213 14.27 -9.65 23.54
CA ARG A 213 15.20 -9.10 24.51
C ARG A 213 15.50 -7.64 24.25
N LEU A 214 15.67 -7.30 22.98
CA LEU A 214 15.96 -5.92 22.60
C LEU A 214 14.81 -5.00 22.99
N PHE A 215 13.59 -5.46 22.82
CA PHE A 215 12.43 -4.65 23.14
C PHE A 215 12.45 -4.27 24.61
N GLU A 216 12.74 -5.23 25.47
CA GLU A 216 12.84 -4.99 26.90
C GLU A 216 14.05 -4.13 27.27
N GLU A 217 15.10 -4.21 26.47
CA GLU A 217 16.33 -3.46 26.72
C GLU A 217 16.20 -2.00 26.30
N LEU A 218 15.33 -1.72 25.35
CA LEU A 218 15.14 -0.36 24.89
C LEU A 218 14.56 0.51 25.99
N LYS A 219 14.96 1.78 26.00
CA LYS A 219 14.44 2.73 26.97
C LYS A 219 13.50 3.72 26.34
N VAL A 220 13.55 3.83 25.01
CA VAL A 220 12.62 4.71 24.30
C VAL A 220 11.20 4.24 24.55
N LYS A 221 10.30 5.19 24.76
CA LYS A 221 8.93 4.82 25.14
C LYS A 221 8.13 4.34 23.94
N ASP A 222 8.28 5.00 22.78
CA ASP A 222 7.54 4.64 21.57
C ASP A 222 8.26 3.45 20.92
N LYS A 223 8.06 2.28 21.50
CA LYS A 223 8.60 1.04 20.96
C LYS A 223 7.47 0.02 20.79
N THR A 224 7.56 -0.78 19.73
CA THR A 224 6.54 -1.75 19.38
C THR A 224 7.21 -3.01 18.85
N ILE A 225 6.71 -4.18 19.26
CA ILE A 225 7.15 -5.44 18.68
C ILE A 225 5.92 -6.20 18.21
N MET A 226 5.96 -6.67 16.96
CA MET A 226 4.86 -7.41 16.36
C MET A 226 5.34 -8.79 15.96
N GLU A 227 4.63 -9.82 16.42
CA GLU A 227 4.95 -11.19 16.09
C GLU A 227 3.93 -11.74 15.09
N PHE A 228 4.42 -12.60 14.20
CA PHE A 228 3.59 -13.21 13.16
C PHE A 228 3.67 -14.72 13.34
N LYS A 229 2.64 -15.28 13.95
CA LYS A 229 2.67 -16.66 14.42
C LYS A 229 2.86 -17.63 13.26
N GLY A 230 3.93 -18.43 13.33
CA GLY A 230 4.22 -19.44 12.35
C GLY A 230 5.11 -19.00 11.21
N ALA A 231 5.29 -17.69 11.01
CA ALA A 231 6.09 -17.22 9.88
C ALA A 231 7.55 -17.57 10.07
N TYR A 232 8.25 -17.74 8.96
CA TYR A 232 9.69 -18.00 8.95
C TYR A 232 10.45 -16.68 8.95
N HIS A 233 11.69 -16.69 8.45
CA HIS A 233 12.57 -15.54 8.52
C HIS A 233 12.06 -14.38 7.64
N GLU A 234 11.58 -14.69 6.45
CA GLU A 234 11.03 -13.68 5.55
C GLU A 234 9.51 -13.72 5.66
N ILE A 235 8.94 -12.67 6.26
CA ILE A 235 7.49 -12.56 6.36
C ILE A 235 6.89 -11.93 5.10
N PHE A 236 7.72 -11.31 4.25
CA PHE A 236 7.25 -10.49 3.12
C PHE A 236 6.31 -11.25 2.20
N GLU A 237 6.67 -12.49 1.90
CA GLU A 237 5.89 -13.33 1.00
C GLU A 237 5.16 -14.48 1.68
N ASP A 238 5.05 -14.44 3.00
CA ASP A 238 4.37 -15.50 3.73
C ASP A 238 2.93 -15.53 3.26
N PRO A 239 2.39 -16.77 3.06
CA PRO A 239 1.01 -16.94 2.60
C PRO A 239 0.00 -16.39 3.56
N GLU A 240 0.24 -16.59 4.85
CA GLU A 240 -0.71 -16.14 5.86
C GLU A 240 -0.50 -14.67 6.20
N TRP A 241 0.75 -14.20 6.22
CA TRP A 241 1.05 -12.92 6.85
C TRP A 241 1.64 -11.83 5.94
N GLY A 242 1.97 -12.16 4.69
CA GLY A 242 2.74 -11.23 3.85
C GLY A 242 2.04 -9.91 3.68
N GLU A 243 0.71 -9.95 3.48
CA GLU A 243 -0.01 -8.70 3.25
C GLU A 243 -0.14 -7.89 4.53
N GLU A 244 -0.43 -8.57 5.63
CA GLU A 244 -0.54 -7.92 6.93
C GLU A 244 0.79 -7.30 7.35
N PHE A 245 1.88 -8.00 7.05
CA PHE A 245 3.21 -7.54 7.39
C PHE A 245 3.49 -6.22 6.69
N HIS A 246 3.14 -6.15 5.41
CA HIS A 246 3.34 -4.93 4.63
C HIS A 246 2.48 -3.80 5.17
N ARG A 247 1.24 -4.11 5.52
CA ARG A 247 0.30 -3.14 6.04
C ARG A 247 0.74 -2.53 7.37
N ALA A 248 1.29 -3.35 8.26
CA ALA A 248 1.74 -2.86 9.55
C ALA A 248 2.88 -1.89 9.41
N ILE A 249 3.78 -2.18 8.49
CA ILE A 249 4.91 -1.31 8.27
C ILE A 249 4.43 0.05 7.77
N VAL A 250 3.61 0.04 6.73
CA VAL A 250 3.10 1.28 6.18
C VAL A 250 2.31 2.08 7.21
N GLU A 251 1.40 1.42 7.89
CA GLU A 251 0.60 2.10 8.90
C GLU A 251 1.47 2.73 9.97
N TRP A 252 2.50 2.00 10.44
CA TRP A 252 3.37 2.56 11.47
C TRP A 252 4.11 3.80 10.95
N LEU A 253 4.62 3.73 9.71
CA LEU A 253 5.32 4.87 9.15
C LEU A 253 4.39 6.05 8.94
N VAL A 254 3.18 5.79 8.44
CA VAL A 254 2.20 6.86 8.26
C VAL A 254 1.88 7.52 9.60
N SER A 255 1.64 6.71 10.64
CA SER A 255 1.28 7.27 11.93
CA SER A 255 1.29 7.24 11.95
C SER A 255 2.43 8.05 12.57
N HIS A 256 3.69 7.78 12.18
CA HIS A 256 4.83 8.51 12.74
C HIS A 256 5.32 9.62 11.85
N SER A 257 4.67 9.83 10.72
CA SER A 257 5.06 10.90 9.80
C SER A 257 4.76 12.25 10.43
N MET B 1 -24.44 22.06 -18.49
CA MET B 1 -24.40 21.77 -19.90
C MET B 1 -24.85 20.35 -20.19
N GLU B 2 -25.29 20.11 -21.41
CA GLU B 2 -25.74 18.79 -21.83
C GLU B 2 -24.56 17.82 -21.72
N LEU B 3 -24.82 16.65 -21.17
CA LEU B 3 -23.79 15.65 -20.98
C LEU B 3 -23.85 14.50 -21.94
N TYR B 4 -22.82 13.69 -21.92
CA TYR B 4 -22.80 12.50 -22.74
C TYR B 4 -23.53 11.43 -21.96
N ARG B 5 -24.61 10.92 -22.53
CA ARG B 5 -25.41 9.88 -21.90
C ARG B 5 -25.61 8.73 -22.89
N ALA B 6 -25.55 7.50 -22.40
CA ALA B 6 -25.70 6.34 -23.27
C ALA B 6 -26.43 5.22 -22.53
N LYS B 7 -27.35 4.56 -23.24
CA LYS B 7 -28.07 3.41 -22.73
C LYS B 7 -27.65 2.15 -23.50
N PHE B 8 -27.46 1.06 -22.77
CA PHE B 8 -27.02 -0.21 -23.35
C PHE B 8 -27.97 -1.33 -22.96
N GLY B 9 -28.28 -2.19 -23.94
CA GLY B 9 -29.02 -3.41 -23.66
C GLY B 9 -30.51 -3.23 -23.49
N THR B 10 -31.16 -4.34 -23.10
CA THR B 10 -32.60 -4.41 -22.90
C THR B 10 -32.91 -4.66 -21.44
N PRO B 11 -33.77 -3.85 -20.82
CA PRO B 11 -33.98 -3.91 -19.36
C PRO B 11 -35.01 -4.97 -18.94
N GLU B 12 -34.71 -6.23 -19.24
CA GLU B 12 -35.63 -7.30 -18.84
C GLU B 12 -35.74 -7.40 -17.33
N ARG B 13 -34.62 -7.24 -16.62
CA ARG B 13 -34.60 -7.28 -15.17
C ARG B 13 -34.61 -5.90 -14.52
N GLY B 14 -34.69 -4.84 -15.32
CA GLY B 14 -34.60 -3.48 -14.81
C GLY B 14 -33.33 -2.80 -15.29
N TRP B 15 -33.06 -1.65 -14.69
CA TRP B 15 -31.95 -0.79 -15.09
C TRP B 15 -30.89 -0.72 -14.00
N VAL B 16 -29.63 -0.60 -14.45
CA VAL B 16 -28.51 -0.28 -13.60
C VAL B 16 -27.91 1.04 -14.10
N VAL B 17 -27.83 2.03 -13.22
CA VAL B 17 -27.20 3.30 -13.55
C VAL B 17 -25.73 3.22 -13.14
N LEU B 18 -24.83 3.47 -14.09
CA LEU B 18 -23.39 3.37 -13.87
C LEU B 18 -22.83 4.76 -13.56
N VAL B 19 -22.04 4.86 -12.49
CA VAL B 19 -21.52 6.14 -12.01
C VAL B 19 -20.01 5.97 -11.83
N HIS B 20 -19.23 6.53 -12.74
CA HIS B 20 -17.79 6.34 -12.73
C HIS B 20 -17.11 7.26 -11.70
N GLY B 21 -15.79 7.10 -11.57
CA GLY B 21 -15.03 7.80 -10.54
C GLY B 21 -14.23 8.97 -11.09
N LEU B 22 -13.38 9.51 -10.22
CA LEU B 22 -12.65 10.73 -10.55
C LEU B 22 -11.63 10.47 -11.66
N GLY B 23 -11.65 11.32 -12.68
CA GLY B 23 -10.66 11.27 -13.73
C GLY B 23 -10.89 10.21 -14.79
N GLU B 24 -11.88 9.35 -14.63
CA GLU B 24 -12.15 8.32 -15.63
C GLU B 24 -13.45 8.66 -16.37
N HIS B 25 -14.10 7.64 -16.91
CA HIS B 25 -15.26 7.84 -17.77
C HIS B 25 -15.99 6.50 -17.91
N SER B 26 -17.20 6.56 -18.44
CA SER B 26 -18.02 5.35 -18.48
C SER B 26 -17.53 4.33 -19.50
N GLY B 27 -16.64 4.72 -20.42
CA GLY B 27 -16.14 3.81 -21.43
C GLY B 27 -15.23 2.72 -20.92
N ARG B 28 -14.77 2.81 -19.68
CA ARG B 28 -13.88 1.79 -19.16
C ARG B 28 -14.62 0.58 -18.61
N TYR B 29 -15.95 0.64 -18.62
CA TYR B 29 -16.77 -0.43 -18.05
C TYR B 29 -17.43 -1.38 -19.03
N GLY B 30 -16.85 -1.53 -20.21
CA GLY B 30 -17.40 -2.42 -21.22
C GLY B 30 -17.66 -3.83 -20.73
N LYS B 31 -16.69 -4.43 -20.08
CA LYS B 31 -16.85 -5.79 -19.58
C LYS B 31 -18.07 -5.94 -18.68
N LEU B 32 -18.20 -5.05 -17.70
CA LEU B 32 -19.32 -5.10 -16.78
C LEU B 32 -20.63 -4.88 -17.50
N ILE B 33 -20.65 -3.87 -18.36
CA ILE B 33 -21.85 -3.56 -19.11
C ILE B 33 -22.32 -4.75 -19.93
N GLU B 34 -21.39 -5.42 -20.61
CA GLU B 34 -21.71 -6.61 -21.39
C GLU B 34 -22.36 -7.64 -20.49
N LEU B 35 -21.69 -7.95 -19.39
CA LEU B 35 -22.17 -8.94 -18.43
C LEU B 35 -23.57 -8.62 -17.94
N LEU B 36 -23.80 -7.37 -17.59
CA LEU B 36 -25.11 -6.96 -17.11
C LEU B 36 -26.14 -7.08 -18.20
N ASN B 37 -25.76 -6.75 -19.43
CA ASN B 37 -26.66 -6.84 -20.57
C ASN B 37 -27.02 -8.30 -20.79
N GLY B 38 -26.01 -9.17 -20.69
CA GLY B 38 -26.20 -10.59 -20.81
C GLY B 38 -27.08 -11.19 -19.73
N ALA B 39 -27.04 -10.61 -18.53
CA ALA B 39 -27.84 -11.05 -17.41
C ALA B 39 -29.29 -10.53 -17.45
N GLY B 40 -29.59 -9.69 -18.42
CA GLY B 40 -30.92 -9.17 -18.56
C GLY B 40 -31.16 -7.76 -18.06
N PHE B 41 -30.08 -7.03 -17.85
CA PHE B 41 -30.21 -5.68 -17.37
C PHE B 41 -29.87 -4.67 -18.44
N GLY B 42 -30.53 -3.54 -18.36
CA GLY B 42 -30.23 -2.42 -19.23
C GLY B 42 -29.29 -1.52 -18.42
N VAL B 43 -28.30 -0.94 -19.07
CA VAL B 43 -27.38 -0.08 -18.37
C VAL B 43 -27.44 1.35 -18.85
N TYR B 44 -27.60 2.29 -17.92
CA TYR B 44 -27.63 3.71 -18.25
C TYR B 44 -26.33 4.34 -17.78
N ALA B 45 -25.51 4.75 -18.73
CA ALA B 45 -24.23 5.35 -18.40
C ALA B 45 -24.18 6.83 -18.77
N PHE B 46 -23.23 7.52 -18.17
CA PHE B 46 -23.01 8.93 -18.44
C PHE B 46 -21.62 9.33 -17.98
N ASP B 47 -21.08 10.36 -18.62
CA ASP B 47 -19.81 10.89 -18.18
C ASP B 47 -20.07 12.14 -17.36
N TRP B 48 -19.48 12.21 -16.17
CA TRP B 48 -19.60 13.36 -15.28
C TRP B 48 -19.21 14.63 -16.00
N PRO B 49 -19.72 15.79 -15.59
CA PRO B 49 -19.15 17.05 -16.05
C PRO B 49 -17.65 17.07 -15.83
N GLY B 50 -16.91 17.62 -16.79
CA GLY B 50 -15.48 17.65 -16.66
C GLY B 50 -14.80 16.30 -16.82
N HIS B 51 -15.49 15.32 -17.40
CA HIS B 51 -14.95 13.99 -17.54
C HIS B 51 -15.34 13.41 -18.89
N GLY B 52 -14.47 12.55 -19.41
CA GLY B 52 -14.80 11.74 -20.57
C GLY B 52 -15.28 12.58 -21.74
N LYS B 53 -16.39 12.17 -22.33
CA LYS B 53 -16.97 12.83 -23.49
C LYS B 53 -17.90 13.98 -23.15
N SER B 54 -18.10 14.25 -21.87
CA SER B 54 -18.94 15.37 -21.46
C SER B 54 -18.15 16.67 -21.52
N PRO B 55 -18.82 17.81 -21.62
CA PRO B 55 -18.12 19.10 -21.67
C PRO B 55 -17.63 19.54 -20.29
N GLY B 56 -16.89 20.63 -20.29
CA GLY B 56 -16.48 21.30 -19.07
C GLY B 56 -15.00 21.15 -18.76
N LYS B 57 -14.46 22.15 -18.06
CA LYS B 57 -13.08 22.09 -17.58
C LYS B 57 -12.84 20.76 -16.85
N ARG B 58 -11.72 20.13 -17.15
CA ARG B 58 -11.49 18.78 -16.61
C ARG B 58 -11.47 18.78 -15.09
N GLY B 59 -12.25 17.88 -14.50
CA GLY B 59 -12.24 17.69 -13.07
C GLY B 59 -13.04 18.69 -12.26
N HIS B 60 -13.84 19.53 -12.92
CA HIS B 60 -14.61 20.56 -12.23
C HIS B 60 -16.07 20.14 -12.18
N THR B 61 -16.50 19.69 -11.02
CA THR B 61 -17.87 19.24 -10.79
C THR B 61 -18.08 18.99 -9.29
N SER B 62 -19.10 18.22 -8.91
CA SER B 62 -19.34 17.96 -7.50
C SER B 62 -20.22 16.72 -7.37
N VAL B 63 -20.19 16.12 -6.18
CA VAL B 63 -21.06 14.99 -5.90
C VAL B 63 -22.52 15.42 -6.03
N GLU B 64 -22.82 16.64 -5.58
CA GLU B 64 -24.19 17.15 -5.69
C GLU B 64 -24.63 17.26 -7.14
N GLU B 65 -23.72 17.68 -8.04
CA GLU B 65 -24.06 17.75 -9.45
C GLU B 65 -24.40 16.37 -9.98
N ALA B 66 -23.61 15.34 -9.60
CA ALA B 66 -23.86 13.99 -10.08
C ALA B 66 -25.18 13.44 -9.58
N MET B 67 -25.54 13.75 -8.33
CA MET B 67 -26.80 13.23 -7.81
C MET B 67 -27.99 13.85 -8.52
N LYS B 68 -27.90 15.14 -8.88
CA LYS B 68 -28.96 15.75 -9.68
C LYS B 68 -29.02 15.13 -11.08
N ILE B 69 -27.87 14.72 -11.62
CA ILE B 69 -27.86 13.99 -12.88
C ILE B 69 -28.56 12.65 -12.73
N ILE B 70 -28.31 11.94 -11.62
CA ILE B 70 -29.01 10.68 -11.39
C ILE B 70 -30.51 10.92 -11.25
N ASP B 71 -30.89 12.00 -10.57
CA ASP B 71 -32.30 12.39 -10.53
C ASP B 71 -32.90 12.40 -11.92
N SER B 72 -32.21 13.09 -12.86
CA SER B 72 -32.75 13.22 -14.21
C SER B 72 -32.81 11.88 -14.92
N ILE B 73 -31.87 10.98 -14.63
CA ILE B 73 -31.86 9.67 -15.28
C ILE B 73 -33.03 8.82 -14.80
N ILE B 74 -33.31 8.83 -13.49
CA ILE B 74 -34.41 8.03 -12.97
C ILE B 74 -35.73 8.56 -13.50
N GLU B 75 -35.87 9.88 -13.61
CA GLU B 75 -37.09 10.44 -14.17
C GLU B 75 -37.24 10.06 -15.64
N GLU B 76 -36.15 10.04 -16.39
CA GLU B 76 -36.20 9.58 -17.77
C GLU B 76 -36.60 8.11 -17.83
N LEU B 77 -36.06 7.29 -16.93
CA LEU B 77 -36.37 5.87 -16.96
C LEU B 77 -37.79 5.60 -16.50
N GLY B 78 -38.31 6.41 -15.59
CA GLY B 78 -39.66 6.20 -15.08
C GLY B 78 -39.82 5.01 -14.17
N GLU B 79 -38.71 4.48 -13.62
CA GLU B 79 -38.77 3.36 -12.70
C GLU B 79 -37.53 3.40 -11.82
N LYS B 80 -37.55 2.62 -10.75
CA LYS B 80 -36.43 2.58 -9.82
C LYS B 80 -35.30 1.73 -10.38
N PRO B 81 -34.08 2.26 -10.47
CA PRO B 81 -32.97 1.44 -10.96
C PRO B 81 -32.09 0.94 -9.83
N PHE B 82 -31.20 0.01 -10.14
CA PHE B 82 -30.04 -0.21 -9.29
C PHE B 82 -28.97 0.81 -9.63
N LEU B 83 -28.13 1.13 -8.64
CA LEU B 83 -26.97 2.00 -8.85
C LEU B 83 -25.70 1.19 -8.69
N PHE B 84 -24.74 1.43 -9.59
CA PHE B 84 -23.40 0.91 -9.45
C PHE B 84 -22.44 2.09 -9.57
N GLY B 85 -21.60 2.28 -8.56
CA GLY B 85 -20.64 3.37 -8.59
C GLY B 85 -19.28 2.88 -8.11
N HIS B 86 -18.24 3.48 -8.67
CA HIS B 86 -16.87 3.13 -8.33
C HIS B 86 -16.13 4.36 -7.81
N SER B 87 -15.48 4.20 -6.64
CA SER B 87 -14.61 5.21 -6.03
C SER B 87 -15.38 6.51 -5.75
N LEU B 88 -15.02 7.60 -6.44
CA LEU B 88 -15.85 8.80 -6.36
C LEU B 88 -17.30 8.48 -6.69
N GLY B 89 -17.52 7.60 -7.67
CA GLY B 89 -18.86 7.19 -8.02
C GLY B 89 -19.51 6.33 -6.96
N GLY B 90 -18.69 5.55 -6.24
CA GLY B 90 -19.23 4.74 -5.15
C GLY B 90 -19.68 5.60 -3.98
N LEU B 91 -18.90 6.63 -3.64
CA LEU B 91 -19.36 7.60 -2.66
C LEU B 91 -20.65 8.26 -3.11
N THR B 92 -20.74 8.60 -4.40
CA THR B 92 -21.91 9.29 -4.91
C THR B 92 -23.16 8.42 -4.79
N VAL B 93 -23.07 7.13 -5.17
CA VAL B 93 -24.27 6.30 -5.13
C VAL B 93 -24.68 6.01 -3.70
N ILE B 94 -23.72 5.94 -2.78
CA ILE B 94 -24.06 5.82 -1.36
C ILE B 94 -24.78 7.08 -0.88
N ARG B 95 -24.26 8.26 -1.25
CA ARG B 95 -24.95 9.49 -0.87
C ARG B 95 -26.32 9.56 -1.54
N TYR B 96 -26.45 9.04 -2.76
CA TYR B 96 -27.77 9.02 -3.39
C TYR B 96 -28.73 8.12 -2.64
N ALA B 97 -28.26 6.92 -2.25
CA ALA B 97 -29.10 6.02 -1.47
C ALA B 97 -29.48 6.62 -0.12
N GLU B 98 -28.72 7.58 0.37
CA GLU B 98 -29.01 8.24 1.64
C GLU B 98 -29.98 9.41 1.49
N THR B 99 -29.83 10.18 0.42
CA THR B 99 -30.65 11.38 0.19
C THR B 99 -31.92 11.21 -0.63
N ARG B 100 -32.03 10.11 -1.34
CA ARG B 100 -33.20 9.79 -2.13
C ARG B 100 -33.47 8.33 -1.83
N PRO B 101 -33.65 8.02 -0.55
CA PRO B 101 -33.83 6.64 -0.08
C PRO B 101 -34.85 5.77 -0.79
N ASP B 102 -35.99 6.31 -1.21
CA ASP B 102 -37.00 5.48 -1.86
C ASP B 102 -36.97 5.48 -3.38
N LYS B 103 -35.90 5.95 -3.98
CA LYS B 103 -35.84 6.02 -5.45
C LYS B 103 -35.06 4.92 -6.15
N ILE B 104 -34.43 4.03 -5.39
CA ILE B 104 -33.64 2.96 -6.01
C ILE B 104 -33.95 1.56 -5.49
N MET B 105 -33.60 0.56 -6.29
CA MET B 105 -33.79 -0.84 -5.93
C MET B 105 -32.65 -1.40 -5.10
N GLY B 106 -31.51 -0.74 -5.09
CA GLY B 106 -30.32 -1.22 -4.43
C GLY B 106 -29.11 -0.45 -4.93
N VAL B 107 -28.03 -0.55 -4.17
CA VAL B 107 -26.81 0.21 -4.45
C VAL B 107 -25.60 -0.70 -4.32
N VAL B 108 -24.76 -0.70 -5.35
CA VAL B 108 -23.52 -1.46 -5.38
C VAL B 108 -22.39 -0.43 -5.45
N ALA B 109 -21.48 -0.48 -4.49
CA ALA B 109 -20.38 0.49 -4.44
C ALA B 109 -19.06 -0.26 -4.49
N SER B 110 -18.29 -0.03 -5.56
CA SER B 110 -16.95 -0.57 -5.72
C SER B 110 -15.96 0.45 -5.18
N SER B 111 -15.12 0.02 -4.23
CA SER B 111 -14.08 0.86 -3.62
C SER B 111 -14.58 2.27 -3.34
N PRO B 112 -15.70 2.46 -2.64
CA PRO B 112 -16.22 3.81 -2.46
C PRO B 112 -15.28 4.67 -1.64
N ALA B 113 -15.24 5.95 -1.98
CA ALA B 113 -14.36 6.90 -1.31
C ALA B 113 -14.99 7.27 0.03
N LEU B 114 -14.63 6.50 1.07
CA LEU B 114 -15.20 6.67 2.39
C LEU B 114 -14.15 6.97 3.46
N ALA B 115 -12.86 6.97 3.10
CA ALA B 115 -11.77 7.32 3.99
C ALA B 115 -10.68 7.98 3.15
N LYS B 116 -10.02 8.98 3.72
CA LYS B 116 -8.93 9.67 3.03
C LYS B 116 -7.74 8.73 2.83
N SER B 117 -7.11 8.85 1.66
CA SER B 117 -5.87 8.11 1.40
C SER B 117 -4.71 8.73 2.17
N PRO B 118 -3.79 7.92 2.70
CA PRO B 118 -2.57 8.50 3.28
C PRO B 118 -1.77 9.34 2.31
N LYS B 119 -1.99 9.15 1.01
CA LYS B 119 -1.30 9.93 0.00
C LYS B 119 -1.79 11.38 -0.04
N THR B 120 -2.98 11.65 0.49
CA THR B 120 -3.54 13.00 0.48
C THR B 120 -3.18 13.69 1.79
N PRO B 121 -2.34 14.72 1.78
CA PRO B 121 -1.99 15.38 3.04
C PRO B 121 -3.22 16.00 3.70
N SER B 122 -3.18 16.06 5.04
CA SER B 122 -4.31 16.61 5.78
C SER B 122 -4.55 18.08 5.45
N PHE B 123 -3.49 18.85 5.20
CA PHE B 123 -3.70 20.27 4.90
C PHE B 123 -4.40 20.46 3.56
N MET B 124 -4.30 19.48 2.65
CA MET B 124 -5.01 19.60 1.38
C MET B 124 -6.52 19.52 1.59
N VAL B 125 -6.95 18.79 2.61
CA VAL B 125 -8.38 18.77 2.95
C VAL B 125 -8.83 20.16 3.38
N ALA B 126 -8.07 20.79 4.27
CA ALA B 126 -8.39 22.15 4.70
C ALA B 126 -8.26 23.14 3.55
N LEU B 127 -7.27 22.95 2.68
CA LEU B 127 -7.13 23.83 1.52
C LEU B 127 -8.34 23.72 0.61
N ALA B 128 -8.89 22.51 0.45
CA ALA B 128 -10.07 22.32 -0.39
C ALA B 128 -11.27 23.09 0.15
N LYS B 129 -11.39 23.18 1.48
CA LYS B 129 -12.50 23.93 2.06
C LYS B 129 -12.41 25.41 1.75
N VAL B 130 -11.20 25.94 1.59
CA VAL B 130 -11.03 27.34 1.23
C VAL B 130 -11.15 27.52 -0.27
N LEU B 131 -10.37 26.76 -1.04
CA LEU B 131 -10.36 26.93 -2.49
C LEU B 131 -11.70 26.56 -3.13
N GLY B 132 -12.40 25.58 -2.58
CA GLY B 132 -13.70 25.23 -3.10
C GLY B 132 -14.70 26.36 -3.02
N ARG B 133 -14.47 27.32 -2.12
CA ARG B 133 -15.36 28.46 -1.98
C ARG B 133 -14.90 29.69 -2.76
N ILE B 134 -13.61 30.01 -2.74
CA ILE B 134 -13.13 31.27 -3.31
C ILE B 134 -12.61 31.09 -4.72
N THR B 135 -12.12 29.91 -5.06
CA THR B 135 -11.63 29.61 -6.41
C THR B 135 -12.15 28.24 -6.86
N PRO B 136 -13.48 28.10 -6.95
CA PRO B 136 -14.06 26.76 -7.15
C PRO B 136 -13.58 26.06 -8.41
N GLY B 137 -13.29 26.80 -9.48
CA GLY B 137 -12.84 26.18 -10.70
C GLY B 137 -11.36 25.92 -10.80
N LEU B 138 -10.56 26.43 -9.86
CA LEU B 138 -9.14 26.16 -9.86
C LEU B 138 -8.88 24.67 -9.64
N SER B 139 -8.00 24.09 -10.48
CA SER B 139 -7.75 22.64 -10.35
C SER B 139 -6.29 22.34 -10.10
N LEU B 140 -6.08 21.25 -9.40
CA LEU B 140 -4.75 20.74 -9.14
C LEU B 140 -4.74 19.28 -9.58
N SER B 141 -3.55 18.67 -9.50
CA SER B 141 -3.46 17.21 -9.60
CA SER B 141 -3.45 17.21 -9.60
C SER B 141 -4.15 16.50 -8.46
N ASN B 142 -4.79 15.35 -8.77
CA ASN B 142 -5.47 14.57 -7.74
C ASN B 142 -4.52 13.76 -6.88
N GLY B 143 -3.26 13.66 -7.27
CA GLY B 143 -2.20 13.09 -6.45
C GLY B 143 -2.12 11.58 -6.38
N LEU B 144 -3.00 10.85 -7.07
CA LEU B 144 -2.99 9.40 -6.94
C LEU B 144 -1.81 8.82 -7.71
N ASP B 145 -1.21 7.77 -7.16
CA ASP B 145 -0.15 7.03 -7.83
C ASP B 145 -0.80 5.98 -8.71
N PRO B 146 -0.70 6.07 -10.05
CA PRO B 146 -1.39 5.11 -10.91
C PRO B 146 -0.97 3.66 -10.70
N LYS B 147 0.24 3.41 -10.22
N LYS B 147 0.26 3.43 -10.23
CA LYS B 147 0.66 2.04 -9.91
CA LYS B 147 0.70 2.08 -9.87
C LYS B 147 -0.20 1.40 -8.85
C LYS B 147 -0.27 1.42 -8.92
N LEU B 148 -0.86 2.18 -8.00
CA LEU B 148 -1.74 1.65 -6.96
C LEU B 148 -3.17 1.43 -7.42
N LEU B 149 -3.44 1.59 -8.70
CA LEU B 149 -4.79 1.39 -9.18
C LEU B 149 -5.12 -0.09 -9.38
N SER B 150 -4.14 -0.87 -9.83
CA SER B 150 -4.40 -2.25 -10.15
C SER B 150 -3.13 -3.08 -10.04
N ARG B 151 -3.25 -4.31 -9.55
CA ARG B 151 -2.13 -5.24 -9.60
C ARG B 151 -1.82 -5.72 -11.01
N ASN B 152 -2.68 -5.41 -11.98
CA ASN B 152 -2.46 -5.78 -13.37
C ASN B 152 -1.67 -4.65 -14.03
N PRO B 153 -0.40 -4.85 -14.37
CA PRO B 153 0.38 -3.74 -14.95
C PRO B 153 -0.15 -3.26 -16.30
N ASP B 154 -0.79 -4.14 -17.06
CA ASP B 154 -1.36 -3.73 -18.33
C ASP B 154 -2.59 -2.85 -18.15
N ALA B 155 -3.36 -3.08 -17.08
CA ALA B 155 -4.49 -2.21 -16.77
C ALA B 155 -4.03 -0.80 -16.42
N VAL B 156 -2.95 -0.70 -15.65
CA VAL B 156 -2.37 0.60 -15.31
C VAL B 156 -1.91 1.31 -16.58
N LYS B 157 -1.26 0.55 -17.48
CA LYS B 157 -0.80 1.12 -18.74
C LYS B 157 -1.96 1.63 -19.58
N ARG B 158 -3.06 0.88 -19.63
CA ARG B 158 -4.23 1.31 -20.39
C ARG B 158 -4.83 2.57 -19.80
N TYR B 159 -4.83 2.69 -18.47
CA TYR B 159 -5.34 3.88 -17.81
C TYR B 159 -4.52 5.12 -18.19
N ILE B 160 -3.19 5.01 -18.11
CA ILE B 160 -2.30 6.12 -18.40
C ILE B 160 -2.44 6.56 -19.85
N GLU B 161 -2.65 5.62 -20.76
CA GLU B 161 -2.69 5.91 -22.18
C GLU B 161 -4.09 6.24 -22.69
N ASP B 162 -5.11 6.15 -21.84
CA ASP B 162 -6.48 6.49 -22.23
C ASP B 162 -6.59 8.00 -22.44
N PRO B 163 -6.90 8.46 -23.66
CA PRO B 163 -6.94 9.92 -23.90
C PRO B 163 -8.07 10.62 -23.15
N LEU B 164 -9.06 9.91 -22.64
CA LEU B 164 -10.16 10.51 -21.89
C LEU B 164 -9.89 10.57 -20.38
N VAL B 165 -8.87 9.90 -19.89
CA VAL B 165 -8.51 9.90 -18.47
C VAL B 165 -7.61 11.11 -18.18
N HIS B 166 -7.86 11.77 -17.05
CA HIS B 166 -7.07 12.92 -16.62
C HIS B 166 -6.86 12.86 -15.12
N ASP B 167 -5.98 13.71 -14.61
CA ASP B 167 -5.67 13.72 -13.19
C ASP B 167 -6.03 15.03 -12.53
N ARG B 168 -6.98 15.75 -13.10
CA ARG B 168 -7.41 17.02 -12.57
C ARG B 168 -8.56 16.92 -11.59
N ILE B 169 -8.56 17.83 -10.61
CA ILE B 169 -9.63 17.94 -9.64
C ILE B 169 -9.72 19.41 -9.22
N SER B 170 -10.91 19.97 -9.31
CA SER B 170 -11.09 21.37 -8.96
C SER B 170 -11.36 21.55 -7.48
N GLY B 171 -11.29 22.79 -7.02
CA GLY B 171 -11.53 23.08 -5.62
C GLY B 171 -12.93 22.68 -5.22
N LYS B 172 -13.88 22.93 -6.09
CA LYS B 172 -15.27 22.58 -5.81
C LYS B 172 -15.41 21.07 -5.66
N LEU B 173 -14.78 20.31 -6.56
CA LEU B 173 -14.88 18.87 -6.47
C LEU B 173 -14.21 18.32 -5.22
N GLY B 174 -13.03 18.81 -4.90
CA GLY B 174 -12.32 18.36 -3.71
C GLY B 174 -13.10 18.67 -2.44
N MET B 175 -13.63 19.89 -2.34
CA MET B 175 -14.45 20.24 -1.19
C MET B 175 -15.66 19.32 -1.09
N SER B 176 -16.28 19.05 -2.23
CA SER B 176 -17.45 18.19 -2.27
C SER B 176 -17.12 16.77 -1.83
N VAL B 177 -15.97 16.26 -2.27
CA VAL B 177 -15.60 14.90 -1.92
C VAL B 177 -15.41 14.73 -0.41
N PHE B 178 -14.70 15.66 0.23
CA PHE B 178 -14.46 15.51 1.66
C PHE B 178 -15.72 15.81 2.47
N ASP B 179 -16.52 16.79 2.06
CA ASP B 179 -17.79 17.00 2.77
CA ASP B 179 -17.81 17.01 2.74
C ASP B 179 -18.71 15.78 2.65
N ASN B 180 -18.84 15.21 1.46
CA ASN B 180 -19.73 14.07 1.31
C ASN B 180 -19.17 12.82 1.96
N MET B 181 -17.85 12.69 2.06
CA MET B 181 -17.26 11.56 2.78
CA MET B 181 -17.27 11.56 2.78
C MET B 181 -17.75 11.54 4.23
N GLU B 182 -17.71 12.69 4.89
CA GLU B 182 -18.20 12.75 6.26
CA GLU B 182 -18.20 12.76 6.26
C GLU B 182 -19.70 12.50 6.31
N ARG B 183 -20.45 13.10 5.39
CA ARG B 183 -21.89 12.93 5.41
C ARG B 183 -22.30 11.50 5.10
N ALA B 184 -21.52 10.79 4.31
CA ALA B 184 -21.88 9.38 4.03
C ALA B 184 -21.93 8.56 5.31
N HIS B 185 -21.01 8.82 6.23
CA HIS B 185 -21.00 8.06 7.47
C HIS B 185 -22.10 8.53 8.42
N LYS B 186 -22.32 9.85 8.52
CA LYS B 186 -23.32 10.37 9.43
C LYS B 186 -24.73 9.92 9.04
N GLU B 187 -25.01 9.82 7.74
CA GLU B 187 -26.35 9.52 7.27
C GLU B 187 -26.52 8.07 6.86
N ALA B 188 -25.62 7.18 7.32
CA ALA B 188 -25.68 5.78 6.90
C ALA B 188 -27.02 5.13 7.23
N GLU B 189 -27.65 5.52 8.34
CA GLU B 189 -28.92 4.92 8.73
C GLU B 189 -30.06 5.29 7.78
N ARG B 190 -29.87 6.27 6.91
CA ARG B 190 -30.93 6.67 5.99
C ARG B 190 -31.11 5.68 4.84
N ILE B 191 -30.13 4.83 4.56
CA ILE B 191 -30.26 3.91 3.44
C ILE B 191 -31.30 2.85 3.79
N LYS B 192 -32.25 2.64 2.87
CA LYS B 192 -33.28 1.63 3.04
C LYS B 192 -33.20 0.50 2.03
N ALA B 193 -32.53 0.71 0.89
CA ALA B 193 -32.39 -0.28 -0.16
C ALA B 193 -31.23 -1.21 0.14
N PRO B 194 -31.21 -2.41 -0.45
CA PRO B 194 -30.09 -3.33 -0.23
C PRO B 194 -28.78 -2.75 -0.69
N VAL B 195 -27.70 -3.15 -0.03
CA VAL B 195 -26.38 -2.56 -0.21
C VAL B 195 -25.36 -3.67 -0.49
N LEU B 196 -24.49 -3.45 -1.47
CA LEU B 196 -23.32 -4.29 -1.69
C LEU B 196 -22.10 -3.39 -1.77
N LEU B 197 -21.13 -3.65 -0.89
CA LEU B 197 -19.85 -2.97 -0.89
C LEU B 197 -18.76 -3.94 -1.30
N LEU B 198 -17.84 -3.50 -2.15
CA LEU B 198 -16.74 -4.32 -2.61
C LEU B 198 -15.44 -3.59 -2.42
N VAL B 199 -14.49 -4.20 -1.70
CA VAL B 199 -13.21 -3.52 -1.43
C VAL B 199 -12.05 -4.49 -1.66
N GLY B 200 -10.93 -3.91 -2.09
CA GLY B 200 -9.67 -4.64 -2.11
C GLY B 200 -8.90 -4.35 -0.83
N THR B 201 -8.35 -5.41 -0.21
CA THR B 201 -7.75 -5.23 1.10
C THR B 201 -6.45 -4.44 1.06
N ALA B 202 -5.81 -4.34 -0.11
CA ALA B 202 -4.57 -3.60 -0.28
C ALA B 202 -4.80 -2.23 -0.93
N ASP B 203 -6.04 -1.76 -0.96
CA ASP B 203 -6.37 -0.47 -1.55
C ASP B 203 -5.85 0.67 -0.68
N ILE B 204 -4.93 1.48 -1.20
CA ILE B 204 -4.46 2.65 -0.47
C ILE B 204 -5.06 3.93 -1.00
N ILE B 205 -5.74 3.88 -2.14
CA ILE B 205 -6.38 5.07 -2.69
C ILE B 205 -7.67 5.39 -1.94
N THR B 206 -8.43 4.34 -1.60
CA THR B 206 -9.62 4.47 -0.78
C THR B 206 -9.49 3.32 0.20
N PRO B 207 -8.85 3.60 1.33
CA PRO B 207 -8.62 2.59 2.36
C PRO B 207 -9.89 1.85 2.72
N PRO B 208 -9.81 0.53 2.76
CA PRO B 208 -10.97 -0.35 3.05
C PRO B 208 -11.68 -0.13 4.39
N GLU B 209 -11.04 0.47 5.39
CA GLU B 209 -11.66 0.78 6.67
C GLU B 209 -12.91 1.67 6.51
N GLY B 210 -12.90 2.60 5.56
CA GLY B 210 -14.05 3.43 5.29
C GLY B 210 -15.30 2.60 5.00
N SER B 211 -15.18 1.56 4.20
CA SER B 211 -16.30 0.69 3.87
C SER B 211 -16.68 -0.21 5.05
N ARG B 212 -15.70 -0.64 5.82
CA ARG B 212 -15.97 -1.50 6.96
C ARG B 212 -16.73 -0.68 8.00
N ARG B 213 -16.31 0.56 8.17
CA ARG B 213 -16.94 1.47 9.10
C ARG B 213 -18.37 1.73 8.66
N LEU B 214 -18.56 1.98 7.37
CA LEU B 214 -19.90 2.22 6.86
C LEU B 214 -20.78 1.00 7.05
N PHE B 215 -20.21 -0.17 6.80
CA PHE B 215 -21.00 -1.39 6.91
C PHE B 215 -21.60 -1.55 8.31
N GLU B 216 -20.83 -1.22 9.34
CA GLU B 216 -21.35 -1.30 10.71
C GLU B 216 -22.35 -0.18 10.99
N GLU B 217 -22.24 0.94 10.29
CA GLU B 217 -23.15 2.06 10.50
C GLU B 217 -24.50 1.86 9.81
N LEU B 218 -24.56 1.03 8.78
CA LEU B 218 -25.81 0.78 8.09
C LEU B 218 -26.81 0.09 9.00
N LYS B 219 -28.09 0.43 8.83
CA LYS B 219 -29.16 -0.23 9.55
C LYS B 219 -30.02 -1.13 8.67
N VAL B 220 -29.87 -1.04 7.34
CA VAL B 220 -30.60 -1.91 6.44
C VAL B 220 -30.14 -3.35 6.64
N LYS B 221 -31.09 -4.28 6.61
CA LYS B 221 -30.75 -5.67 6.93
C LYS B 221 -30.01 -6.34 5.78
N ASP B 222 -30.45 -6.11 4.54
CA ASP B 222 -29.85 -6.73 3.37
C ASP B 222 -28.63 -5.91 2.98
N LYS B 223 -27.55 -6.09 3.73
CA LYS B 223 -26.29 -5.43 3.46
C LYS B 223 -25.20 -6.48 3.36
N THR B 224 -24.26 -6.26 2.44
CA THR B 224 -23.20 -7.21 2.16
C THR B 224 -21.92 -6.45 1.88
N ILE B 225 -20.81 -6.92 2.45
CA ILE B 225 -19.50 -6.40 2.10
C ILE B 225 -18.63 -7.56 1.64
N MET B 226 -18.03 -7.41 0.48
CA MET B 226 -17.16 -8.42 -0.10
C MET B 226 -15.76 -7.86 -0.18
N GLU B 227 -14.80 -8.55 0.42
CA GLU B 227 -13.42 -8.13 0.38
C GLU B 227 -12.64 -9.04 -0.56
N PHE B 228 -11.64 -8.47 -1.22
CA PHE B 228 -10.83 -9.18 -2.18
C PHE B 228 -9.36 -9.07 -1.73
N LYS B 229 -8.90 -10.12 -1.06
CA LYS B 229 -7.57 -10.15 -0.49
C LYS B 229 -6.43 -9.82 -1.43
N GLY B 230 -5.71 -8.75 -1.13
CA GLY B 230 -4.58 -8.36 -1.93
C GLY B 230 -4.88 -7.39 -3.06
N ALA B 231 -6.14 -7.23 -3.42
CA ALA B 231 -6.46 -6.36 -4.56
C ALA B 231 -6.20 -4.90 -4.22
N TYR B 232 -5.87 -4.14 -5.28
CA TYR B 232 -5.68 -2.70 -5.15
C TYR B 232 -7.03 -1.99 -5.32
N HIS B 233 -6.97 -0.71 -5.69
CA HIS B 233 -8.18 0.12 -5.74
C HIS B 233 -9.17 -0.36 -6.79
N GLU B 234 -8.67 -0.76 -7.96
CA GLU B 234 -9.51 -1.27 -9.04
C GLU B 234 -9.43 -2.79 -9.03
N ILE B 235 -10.53 -3.44 -8.67
CA ILE B 235 -10.60 -4.90 -8.70
C ILE B 235 -10.97 -5.42 -10.09
N PHE B 236 -11.47 -4.54 -10.98
CA PHE B 236 -12.07 -4.96 -12.25
C PHE B 236 -11.14 -5.85 -13.07
N GLU B 237 -9.85 -5.49 -13.13
CA GLU B 237 -8.90 -6.23 -13.95
C GLU B 237 -7.83 -6.90 -13.10
N ASP B 238 -8.12 -7.15 -11.84
CA ASP B 238 -7.14 -7.77 -10.96
C ASP B 238 -6.86 -9.20 -11.43
N PRO B 239 -5.59 -9.62 -11.50
CA PRO B 239 -5.32 -10.97 -12.02
C PRO B 239 -5.95 -12.07 -11.20
N GLU B 240 -6.03 -11.88 -9.88
CA GLU B 240 -6.61 -12.87 -9.01
C GLU B 240 -8.11 -12.76 -8.79
N TRP B 241 -8.62 -11.55 -8.71
CA TRP B 241 -10.05 -11.34 -8.43
C TRP B 241 -10.91 -10.71 -9.53
N GLY B 242 -10.30 -10.33 -10.64
CA GLY B 242 -11.03 -9.69 -11.73
C GLY B 242 -12.32 -10.36 -12.16
N GLU B 243 -12.24 -11.65 -12.49
CA GLU B 243 -13.39 -12.40 -12.95
C GLU B 243 -14.41 -12.60 -11.85
N GLU B 244 -13.93 -12.96 -10.66
CA GLU B 244 -14.82 -13.19 -9.53
C GLU B 244 -15.58 -11.93 -9.13
N PHE B 245 -14.87 -10.81 -9.13
CA PHE B 245 -15.45 -9.51 -8.81
C PHE B 245 -16.65 -9.23 -9.72
N HIS B 246 -16.45 -9.36 -11.02
CA HIS B 246 -17.54 -9.14 -11.96
C HIS B 246 -18.68 -10.13 -11.74
N ARG B 247 -18.34 -11.40 -11.59
CA ARG B 247 -19.33 -12.44 -11.39
C ARG B 247 -20.20 -12.16 -10.16
N ALA B 248 -19.55 -11.84 -9.06
CA ALA B 248 -20.25 -11.59 -7.82
C ALA B 248 -21.24 -10.45 -7.90
N ILE B 249 -20.84 -9.37 -8.56
CA ILE B 249 -21.72 -8.22 -8.70
C ILE B 249 -22.96 -8.58 -9.50
N VAL B 250 -22.78 -9.28 -10.60
CA VAL B 250 -23.91 -9.67 -11.42
C VAL B 250 -24.83 -10.63 -10.68
N GLU B 251 -24.23 -11.60 -9.97
CA GLU B 251 -25.02 -12.54 -9.21
C GLU B 251 -25.89 -11.84 -8.17
N TRP B 252 -25.30 -10.87 -7.47
CA TRP B 252 -26.01 -10.10 -6.46
C TRP B 252 -27.16 -9.33 -7.08
N LEU B 253 -26.92 -8.73 -8.23
CA LEU B 253 -27.94 -7.96 -8.91
C LEU B 253 -29.05 -8.86 -9.43
N VAL B 254 -28.70 -9.99 -9.99
CA VAL B 254 -29.72 -10.90 -10.48
C VAL B 254 -30.62 -11.38 -9.35
N SER B 255 -30.04 -11.68 -8.19
CA SER B 255 -30.83 -12.16 -7.06
C SER B 255 -31.73 -11.11 -6.41
N HIS B 256 -31.44 -9.83 -6.63
CA HIS B 256 -32.25 -8.78 -6.04
C HIS B 256 -33.25 -8.17 -7.01
N SER B 257 -33.31 -8.72 -8.21
CA SER B 257 -34.21 -8.19 -9.22
C SER B 257 -35.39 -9.11 -9.50
C1 GOL C . 18.21 -12.35 2.73
O1 GOL C . 19.24 -12.99 1.99
C2 GOL C . 17.48 -13.42 3.52
O2 GOL C . 16.39 -12.84 4.24
C3 GOL C . 18.48 -14.03 4.47
O3 GOL C . 18.80 -13.05 5.45
N1 LDA D . 21.92 -13.07 9.01
O1 LDA D . 21.66 -11.86 8.94
CM1 LDA D . 21.78 -13.67 7.69
CM2 LDA D . 21.01 -13.71 9.95
C1 LDA D . 23.29 -13.25 9.46
C2 LDA D . 23.69 -14.67 9.15
C3 LDA D . 25.19 -14.82 9.28
C4 LDA D . 25.59 -16.27 9.11
C5 LDA D . 27.04 -16.47 9.53
C6 LDA D . 27.57 -17.79 8.99
C7 LDA D . 28.94 -18.07 9.58
C8 LDA D . 30.02 -17.94 8.51
C9 LDA D . 31.15 -17.07 9.00
C10 LDA D . 32.41 -17.89 9.21
C11 LDA D . 33.64 -17.00 9.32
C12 LDA D . 33.45 -15.72 8.56
C1 GOL E . -10.65 6.00 -11.52
O1 GOL E . -9.93 7.06 -12.13
C2 GOL E . -9.79 5.39 -10.44
O2 GOL E . -10.29 4.09 -10.10
C3 GOL E . -9.76 6.34 -9.27
O3 GOL E . -10.91 6.17 -8.46
N1 LDA F . -10.86 9.46 -5.07
O1 LDA F . -12.07 9.24 -5.30
CM1 LDA F . -10.03 9.20 -6.27
CM2 LDA F . -10.59 8.52 -3.96
C1 LDA F . -10.84 10.84 -4.66
C2 LDA F . -9.41 11.33 -4.63
C3 LDA F . -9.46 12.78 -4.17
C4 LDA F . -8.07 13.38 -4.11
C5 LDA F . -8.17 14.81 -3.58
C6 LDA F . -6.93 15.69 -3.60
C7 LDA F . -7.32 17.05 -2.99
C8 LDA F . -7.27 18.24 -3.95
C9 LDA F . -8.20 19.38 -3.53
C10 LDA F . -7.79 20.79 -3.97
C11 LDA F . -8.02 21.06 -5.45
C12 LDA F . -7.86 22.54 -5.79
#